data_9RTI
#
_entry.id   9RTI
#
_cell.length_a   122.018
_cell.length_b   122.018
_cell.length_c   104.88
_cell.angle_alpha   90
_cell.angle_beta   90
_cell.angle_gamma   120
#
_symmetry.space_group_name_H-M   'P 32 2 1'
#
loop_
_entity.id
_entity.type
_entity.pdbx_description
1 polymer "Bifunctional 3'-5' exonuclease/ATP-dependent helicase WRN"
2 non-polymer 'PHOSPHOTHIOPHOSPHORIC ACID-ADENYLATE ESTER'
3 non-polymer 'DIMETHYL SULFOXIDE'
4 non-polymer 1,2-ETHANEDIOL
5 non-polymer ~{N}-[1-[(4-fluorophenyl)methyl]-7-methyl-indazol-3-yl]propanamide
6 non-polymer ~{N}-[1-[(4-fluorophenyl)methyl]-7-methyl-indazol-3-yl]prop-2-enamide
7 non-polymer D-MALATE
8 non-polymer DI(HYDROXYETHYL)ETHER
9 non-polymer 'ZINC ION'
10 water water
#
_entity_poly.entity_id   1
_entity_poly.type   'polypeptide(L)'
_entity_poly.pdbx_seq_one_letter_code
;GMNEGEEDDDKDFLWPAPNEEQVTCLKMYFGHSSFKPVQWKVIHSVLEERRDNVAVMATGYGKSLCFQYPPVYVGKIGLV
ISPLISLMEDQVLQLKMSNIPACFLGSAQSENVLTDIKLGKYRIVYVTPEYCSGNMGLLQQLEADIGITLIAVDEAHCIS
EWGHDFRDSFRKLGSLKTALPMVPIVALTATASSSIREDIVRCLNLRNPQITCTGFDRPNLYLEVRRKTGNILQDLQPFL
VKTSSHWEFEGPTIIYCPSRKMTQQVTGELRKLNLSCGTYHAGMSFSTRKDIHHRFVRDEIQCVIATIAFGMGINKADIR
QVIHYGAPKDMESYYQEIGRAGRDGLQSSCHVLWAPADINLNRHLLTEIRNEKFRLYKLKMMAKMEKYLHSSRCRRQIIL
SHFEDKQVQKASLGIMGTEKCCDNCRS
;
_entity_poly.pdbx_strand_id   A
#
# COMPACT_ATOMS: atom_id res chain seq x y z
N TRP A 15 1.27 -11.96 -25.35
CA TRP A 15 1.95 -10.88 -24.67
C TRP A 15 3.37 -10.66 -25.16
N PRO A 16 3.62 -9.55 -25.88
CA PRO A 16 4.98 -9.27 -26.35
C PRO A 16 5.95 -9.08 -25.19
N ALA A 17 7.15 -9.60 -25.31
CA ALA A 17 8.16 -9.52 -24.27
C ALA A 17 8.89 -8.18 -24.29
N PRO A 18 9.38 -7.70 -23.14
CA PRO A 18 10.12 -6.43 -23.12
C PRO A 18 11.40 -6.50 -23.94
N ASN A 19 11.68 -5.50 -24.79
CA ASN A 19 12.92 -5.48 -25.58
C ASN A 19 14.13 -5.08 -24.70
N GLU A 20 15.37 -5.09 -25.25
CA GLU A 20 16.56 -4.74 -24.45
C GLU A 20 16.59 -3.28 -24.02
N GLU A 21 16.00 -2.38 -24.82
CA GLU A 21 15.91 -0.95 -24.47
C GLU A 21 14.98 -0.73 -23.24
N GLN A 22 13.98 -1.60 -23.09
CA GLN A 22 13.02 -1.61 -22.00
C GLN A 22 13.64 -2.13 -20.72
N VAL A 23 14.37 -3.26 -20.81
CA VAL A 23 15.08 -3.90 -19.70
C VAL A 23 16.24 -3.03 -19.21
N THR A 24 16.95 -2.34 -20.10
CA THR A 24 18.06 -1.46 -19.72
C THR A 24 17.54 -0.28 -18.91
N CYS A 25 16.40 0.26 -19.31
CA CYS A 25 15.77 1.38 -18.64
C CYS A 25 15.31 0.95 -17.24
N LEU A 26 14.64 -0.21 -17.16
CA LEU A 26 14.19 -0.80 -15.91
C LEU A 26 15.36 -1.00 -14.95
N LYS A 27 16.48 -1.57 -15.45
CA LYS A 27 17.66 -1.80 -14.64
C LYS A 27 18.37 -0.52 -14.18
N MET A 28 18.54 0.48 -15.06
CA MET A 28 19.27 1.69 -14.66
C MET A 28 18.46 2.71 -13.88
N TYR A 29 17.13 2.79 -14.08
CA TYR A 29 16.34 3.79 -13.35
C TYR A 29 15.56 3.21 -12.16
N PHE A 30 15.36 1.87 -12.14
CA PHE A 30 14.61 1.24 -11.05
C PHE A 30 15.39 0.20 -10.27
N GLY A 31 16.41 -0.39 -10.90
CA GLY A 31 17.26 -1.39 -10.27
C GLY A 31 16.76 -2.82 -10.34
N HIS A 32 15.73 -3.07 -11.16
CA HIS A 32 15.16 -4.42 -11.28
C HIS A 32 15.64 -5.06 -12.55
N SER A 33 15.98 -6.35 -12.51
CA SER A 33 16.47 -7.05 -13.69
C SER A 33 15.33 -7.65 -14.56
N SER A 34 14.07 -7.58 -14.08
CA SER A 34 12.90 -8.09 -14.80
C SER A 34 11.58 -7.55 -14.21
N PHE A 35 10.54 -7.50 -15.04
CA PHE A 35 9.21 -7.08 -14.62
C PHE A 35 8.45 -8.29 -14.10
N LYS A 36 7.51 -8.07 -13.18
CA LYS A 36 6.64 -9.14 -12.71
C LYS A 36 5.49 -9.27 -13.77
N PRO A 37 4.90 -10.47 -13.94
CA PRO A 37 3.85 -10.65 -14.96
C PRO A 37 2.78 -9.56 -15.07
N VAL A 38 2.15 -9.16 -13.94
CA VAL A 38 1.08 -8.17 -13.99
C VAL A 38 1.64 -6.76 -14.17
N GLN A 39 2.86 -6.47 -13.68
CA GLN A 39 3.48 -5.17 -13.93
C GLN A 39 3.64 -4.94 -15.45
N TRP A 40 4.14 -5.98 -16.18
CA TRP A 40 4.28 -5.93 -17.62
C TRP A 40 2.95 -5.88 -18.35
N LYS A 41 1.92 -6.59 -17.85
CA LYS A 41 0.57 -6.54 -18.44
C LYS A 41 0.05 -5.10 -18.44
N VAL A 42 0.25 -4.39 -17.30
CA VAL A 42 -0.16 -3.00 -17.10
C VAL A 42 0.70 -2.04 -17.93
N ILE A 43 2.04 -2.10 -17.77
CA ILE A 43 2.99 -1.24 -18.49
C ILE A 43 2.83 -1.32 -20.01
N HIS A 44 2.81 -2.54 -20.55
CA HIS A 44 2.64 -2.74 -21.98
C HIS A 44 1.29 -2.21 -22.47
N SER A 45 0.22 -2.49 -21.72
CA SER A 45 -1.13 -2.02 -22.04
C SER A 45 -1.20 -0.49 -22.18
N VAL A 46 -0.45 0.22 -21.33
CA VAL A 46 -0.42 1.67 -21.36
C VAL A 46 0.41 2.15 -22.56
N LEU A 47 1.62 1.60 -22.74
CA LEU A 47 2.53 2.01 -23.81
C LEU A 47 2.02 1.71 -25.21
N GLU A 48 1.56 0.48 -25.46
CA GLU A 48 1.12 0.08 -26.79
C GLU A 48 -0.36 0.28 -27.09
N GLU A 49 -1.23 -0.02 -26.12
CA GLU A 49 -2.67 0.09 -26.35
C GLU A 49 -3.30 1.39 -25.88
N ARG A 50 -2.59 2.19 -25.03
CA ARG A 50 -3.10 3.41 -24.40
C ARG A 50 -4.43 3.12 -23.69
N ARG A 51 -4.50 1.95 -23.03
CA ARG A 51 -5.69 1.43 -22.38
C ARG A 51 -5.79 1.71 -20.87
N ASP A 52 -7.02 2.03 -20.41
CA ASP A 52 -7.34 2.22 -18.99
C ASP A 52 -7.13 0.91 -18.26
N ASN A 53 -6.77 0.99 -16.99
CA ASN A 53 -6.47 -0.19 -16.18
C ASN A 53 -7.04 -0.07 -14.80
N VAL A 54 -7.54 -1.17 -14.22
CA VAL A 54 -7.94 -1.22 -12.82
C VAL A 54 -7.13 -2.37 -12.24
N ALA A 55 -6.16 -2.09 -11.37
CA ALA A 55 -5.32 -3.15 -10.82
C ALA A 55 -5.48 -3.32 -9.32
N VAL A 56 -5.89 -4.52 -8.89
CA VAL A 56 -6.02 -4.85 -7.46
C VAL A 56 -4.61 -5.19 -7.00
N MET A 57 -4.04 -4.30 -6.19
CA MET A 57 -2.66 -4.39 -5.74
C MET A 57 -2.46 -4.96 -4.34
N ALA A 58 -1.74 -6.08 -4.26
CA ALA A 58 -1.35 -6.74 -3.01
C ALA A 58 -0.12 -5.99 -2.51
N THR A 59 -0.07 -5.58 -1.23
CA THR A 59 1.10 -4.87 -0.72
C THR A 59 2.39 -5.69 -0.86
N GLY A 60 3.46 -5.05 -1.31
CA GLY A 60 4.76 -5.69 -1.53
C GLY A 60 4.97 -6.24 -2.93
N TYR A 61 3.96 -6.16 -3.80
CA TYR A 61 4.07 -6.66 -5.15
C TYR A 61 4.90 -5.74 -6.06
N GLY A 62 4.59 -4.45 -6.06
CA GLY A 62 5.28 -3.48 -6.90
C GLY A 62 4.28 -2.67 -7.70
N LYS A 63 3.53 -1.80 -7.02
CA LYS A 63 2.51 -0.98 -7.65
C LYS A 63 3.08 0.29 -8.30
N SER A 64 4.12 0.87 -7.70
CA SER A 64 4.69 2.10 -8.21
C SER A 64 5.33 1.96 -9.58
N LEU A 65 5.94 0.82 -9.90
CA LEU A 65 6.57 0.64 -11.21
C LEU A 65 5.54 0.78 -12.35
N CYS A 66 4.29 0.34 -12.10
CA CYS A 66 3.21 0.37 -13.07
C CYS A 66 2.89 1.74 -13.58
N PHE A 67 3.07 2.79 -12.74
CA PHE A 67 2.79 4.14 -13.19
C PHE A 67 4.07 4.98 -13.38
N GLN A 68 5.16 4.64 -12.70
CA GLN A 68 6.39 5.42 -12.82
C GLN A 68 7.23 5.04 -14.03
N TYR A 69 7.29 3.75 -14.35
CA TYR A 69 8.10 3.28 -15.46
C TYR A 69 7.66 3.84 -16.83
N PRO A 70 6.37 3.73 -17.26
CA PRO A 70 6.02 4.20 -18.61
C PRO A 70 6.47 5.64 -18.95
N PRO A 71 6.25 6.70 -18.13
CA PRO A 71 6.75 8.03 -18.53
C PRO A 71 8.27 8.15 -18.54
N VAL A 72 8.97 7.42 -17.68
CA VAL A 72 10.44 7.41 -17.61
C VAL A 72 11.02 6.77 -18.86
N TYR A 73 10.39 5.69 -19.36
CA TYR A 73 10.82 4.99 -20.55
C TYR A 73 10.71 5.87 -21.81
N VAL A 74 9.55 6.49 -22.03
CA VAL A 74 9.36 7.33 -23.22
C VAL A 74 9.83 8.79 -23.03
N GLY A 75 10.25 9.16 -21.82
CA GLY A 75 10.73 10.51 -21.54
C GLY A 75 9.64 11.56 -21.62
N LYS A 76 8.42 11.17 -21.25
CA LYS A 76 7.28 12.09 -21.28
C LYS A 76 6.81 12.42 -19.85
N ILE A 77 5.48 12.54 -19.59
CA ILE A 77 4.90 12.88 -18.29
C ILE A 77 3.87 11.84 -17.84
N GLY A 78 3.96 11.47 -16.57
CA GLY A 78 3.02 10.62 -15.87
C GLY A 78 2.41 11.50 -14.78
N LEU A 79 1.09 11.66 -14.78
CA LEU A 79 0.40 12.48 -13.78
C LEU A 79 -0.12 11.56 -12.64
N VAL A 80 0.33 11.78 -11.40
CA VAL A 80 -0.08 10.93 -10.27
C VAL A 80 -0.96 11.69 -9.34
N ILE A 81 -2.20 11.23 -9.14
CA ILE A 81 -3.23 11.92 -8.35
C ILE A 81 -3.48 11.33 -6.98
N SER A 82 -3.26 12.12 -5.91
CA SER A 82 -3.47 11.64 -4.55
C SER A 82 -3.62 12.81 -3.59
N PRO A 83 -4.48 12.69 -2.56
CA PRO A 83 -4.55 13.76 -1.54
C PRO A 83 -3.41 13.73 -0.51
N LEU A 84 -2.58 12.68 -0.51
CA LEU A 84 -1.47 12.50 0.46
C LEU A 84 -0.18 13.15 -0.03
N ILE A 85 -0.12 14.50 0.05
CA ILE A 85 0.98 15.30 -0.45
C ILE A 85 2.35 14.95 0.15
N SER A 86 2.47 14.86 1.48
CA SER A 86 3.78 14.56 2.09
C SER A 86 4.33 13.19 1.71
N LEU A 87 3.45 12.21 1.53
CA LEU A 87 3.81 10.88 1.08
C LEU A 87 4.32 10.96 -0.38
N MET A 88 3.64 11.77 -1.23
N MET A 88 3.66 11.75 -1.22
CA MET A 88 4.00 11.98 -2.64
CA MET A 88 4.06 11.90 -2.61
C MET A 88 5.36 12.67 -2.74
C MET A 88 5.37 12.67 -2.75
N GLU A 89 5.66 13.59 -1.81
CA GLU A 89 6.93 14.33 -1.77
C GLU A 89 8.09 13.41 -1.37
N ASP A 90 7.81 12.32 -0.63
CA ASP A 90 8.83 11.32 -0.31
C ASP A 90 9.17 10.55 -1.58
N GLN A 91 8.16 10.19 -2.39
CA GLN A 91 8.34 9.50 -3.66
C GLN A 91 9.19 10.36 -4.59
N VAL A 92 8.97 11.69 -4.61
CA VAL A 92 9.76 12.64 -5.40
C VAL A 92 11.25 12.53 -5.05
N LEU A 93 11.59 12.55 -3.74
CA LEU A 93 12.97 12.43 -3.23
C LEU A 93 13.61 11.08 -3.56
N GLN A 94 12.81 10.00 -3.58
CA GLN A 94 13.30 8.67 -3.94
C GLN A 94 13.58 8.62 -5.44
N LEU A 95 12.70 9.23 -6.26
CA LEU A 95 12.90 9.27 -7.69
C LEU A 95 14.12 10.10 -8.05
N LYS A 96 14.38 11.18 -7.30
CA LYS A 96 15.54 12.07 -7.42
C LYS A 96 16.84 11.27 -7.24
N MET A 97 16.86 10.33 -6.29
CA MET A 97 18.04 9.49 -6.07
C MET A 97 18.32 8.52 -7.21
N SER A 98 17.29 8.17 -8.01
CA SER A 98 17.39 7.32 -9.19
C SER A 98 17.58 8.14 -10.49
N ASN A 99 17.82 9.47 -10.37
CA ASN A 99 17.97 10.41 -11.49
C ASN A 99 16.71 10.55 -12.33
N ILE A 100 15.55 10.44 -11.69
CA ILE A 100 14.26 10.62 -12.34
C ILE A 100 13.67 11.94 -11.86
N PRO A 101 13.70 12.97 -12.71
CA PRO A 101 13.12 14.27 -12.31
C PRO A 101 11.61 14.16 -12.06
N ALA A 102 11.18 14.56 -10.86
CA ALA A 102 9.79 14.50 -10.43
C ALA A 102 9.48 15.65 -9.50
N CYS A 103 8.19 16.02 -9.38
CA CYS A 103 7.81 17.08 -8.47
C CYS A 103 6.34 17.03 -8.09
N PHE A 104 5.99 17.71 -7.01
CA PHE A 104 4.61 17.88 -6.63
C PHE A 104 4.19 19.28 -7.17
N LEU A 105 3.00 19.35 -7.80
CA LEU A 105 2.43 20.57 -8.36
C LEU A 105 1.14 20.89 -7.62
N GLY A 106 1.06 22.11 -7.11
CA GLY A 106 -0.10 22.65 -6.42
C GLY A 106 -0.17 24.15 -6.55
N SER A 107 -1.00 24.79 -5.74
CA SER A 107 -1.12 26.26 -5.77
C SER A 107 0.00 26.95 -4.96
N ALA A 108 0.51 26.30 -3.92
CA ALA A 108 1.66 26.79 -3.13
C ALA A 108 2.98 26.61 -3.88
N GLN A 109 3.01 25.71 -4.88
CA GLN A 109 4.21 25.37 -5.64
C GLN A 109 4.45 26.36 -6.78
N SER A 110 5.57 27.12 -6.64
CA SER A 110 6.11 28.18 -7.51
C SER A 110 5.73 28.15 -9.01
N GLU A 111 5.87 29.29 -9.68
CA GLU A 111 5.60 29.38 -11.11
C GLU A 111 6.79 28.85 -11.96
N ASN A 112 8.00 28.78 -11.37
CA ASN A 112 9.20 28.25 -12.05
C ASN A 112 9.07 26.73 -12.23
N VAL A 113 8.45 26.04 -11.24
CA VAL A 113 8.21 24.61 -11.30
C VAL A 113 7.15 24.35 -12.37
N LEU A 114 6.04 25.12 -12.37
CA LEU A 114 4.99 25.00 -13.40
C LEU A 114 5.54 25.23 -14.82
N THR A 115 6.42 26.22 -14.99
CA THR A 115 7.06 26.48 -16.28
C THR A 115 7.88 25.29 -16.72
N ASP A 116 8.68 24.68 -15.81
CA ASP A 116 9.49 23.49 -16.08
C ASP A 116 8.63 22.26 -16.38
N ILE A 117 7.44 22.17 -15.76
CA ILE A 117 6.48 21.09 -16.01
C ILE A 117 5.99 21.21 -17.44
N LYS A 118 5.63 22.44 -17.88
CA LYS A 118 5.19 22.78 -19.24
C LYS A 118 6.31 22.60 -20.29
N LEU A 119 7.57 22.71 -19.87
CA LEU A 119 8.73 22.48 -20.73
C LEU A 119 9.15 21.01 -20.84
N GLY A 120 8.45 20.10 -20.17
CA GLY A 120 8.74 18.67 -20.22
C GLY A 120 9.93 18.23 -19.41
N LYS A 121 10.34 19.00 -18.41
CA LYS A 121 11.50 18.67 -17.59
C LYS A 121 11.24 17.63 -16.50
N TYR A 122 9.97 17.32 -16.20
CA TYR A 122 9.65 16.36 -15.15
C TYR A 122 8.95 15.15 -15.73
N ARG A 123 9.35 13.93 -15.31
CA ARG A 123 8.74 12.69 -15.77
C ARG A 123 7.47 12.39 -15.01
N ILE A 124 7.45 12.66 -13.69
CA ILE A 124 6.29 12.37 -12.86
C ILE A 124 5.87 13.61 -12.11
N VAL A 125 4.60 14.00 -12.26
CA VAL A 125 4.04 15.16 -11.60
C VAL A 125 2.95 14.69 -10.67
N TYR A 126 3.07 15.02 -9.38
CA TYR A 126 2.08 14.65 -8.38
C TYR A 126 1.12 15.78 -8.14
N VAL A 127 -0.18 15.51 -8.13
CA VAL A 127 -1.24 16.51 -7.89
C VAL A 127 -2.33 15.94 -6.96
N THR A 128 -3.19 16.82 -6.38
CA THR A 128 -4.33 16.33 -5.58
C THR A 128 -5.55 16.27 -6.50
N PRO A 129 -6.56 15.44 -6.18
CA PRO A 129 -7.78 15.42 -7.03
C PRO A 129 -8.43 16.80 -7.19
N GLU A 130 -8.36 17.63 -6.13
CA GLU A 130 -8.95 18.96 -6.09
C GLU A 130 -8.20 19.91 -7.01
N TYR A 131 -6.84 19.83 -7.02
CA TYR A 131 -6.07 20.67 -7.95
C TYR A 131 -6.39 20.27 -9.39
N CYS A 132 -6.47 18.97 -9.64
N CYS A 132 -6.51 18.97 -9.66
CA CYS A 132 -6.77 18.37 -10.94
CA CYS A 132 -6.84 18.43 -10.98
C CYS A 132 -8.14 18.83 -11.48
C CYS A 132 -8.16 18.96 -11.48
N SER A 133 -9.14 18.91 -10.60
CA SER A 133 -10.51 19.33 -10.90
C SER A 133 -10.61 20.72 -11.58
N GLY A 134 -9.89 21.71 -11.06
CA GLY A 134 -9.93 23.05 -11.63
C GLY A 134 -8.83 23.36 -12.62
N ASN A 135 -8.08 22.33 -13.06
CA ASN A 135 -6.98 22.53 -13.98
C ASN A 135 -6.97 21.56 -15.17
N MET A 136 -8.14 21.36 -15.79
CA MET A 136 -8.22 20.51 -16.99
C MET A 136 -7.55 21.17 -18.20
N GLY A 137 -7.57 22.50 -18.27
CA GLY A 137 -6.94 23.25 -19.34
C GLY A 137 -5.45 23.05 -19.35
N LEU A 138 -4.83 23.06 -18.16
CA LEU A 138 -3.39 22.79 -18.03
C LEU A 138 -3.07 21.37 -18.52
N LEU A 139 -3.85 20.36 -18.10
CA LEU A 139 -3.60 18.97 -18.51
C LEU A 139 -3.76 18.75 -20.00
N GLN A 140 -4.65 19.51 -20.63
CA GLN A 140 -4.82 19.43 -22.08
C GLN A 140 -3.62 20.05 -22.79
N GLN A 141 -3.03 21.11 -22.22
CA GLN A 141 -1.84 21.75 -22.75
C GLN A 141 -0.64 20.84 -22.59
N LEU A 142 -0.50 20.19 -21.43
CA LEU A 142 0.60 19.24 -21.20
C LEU A 142 0.52 18.06 -22.18
N GLU A 143 -0.69 17.57 -22.44
CA GLU A 143 -0.90 16.51 -23.41
C GLU A 143 -0.51 16.97 -24.82
N ALA A 144 -0.94 18.18 -25.20
CA ALA A 144 -0.66 18.79 -26.51
C ALA A 144 0.82 19.11 -26.74
N ASP A 145 1.50 19.63 -25.72
CA ASP A 145 2.91 20.04 -25.80
C ASP A 145 3.93 18.94 -25.57
N ILE A 146 3.71 18.06 -24.58
CA ILE A 146 4.67 17.02 -24.25
C ILE A 146 4.10 15.64 -24.48
N GLY A 147 2.91 15.41 -23.94
CA GLY A 147 2.24 14.12 -24.01
C GLY A 147 2.18 13.51 -22.62
N ILE A 148 0.98 13.07 -22.21
CA ILE A 148 0.81 12.43 -20.91
C ILE A 148 0.70 10.92 -21.14
N THR A 149 1.77 10.18 -20.78
CA THR A 149 1.81 8.75 -20.96
C THR A 149 0.66 8.06 -20.21
N LEU A 150 0.36 8.55 -19.00
CA LEU A 150 -0.70 7.99 -18.19
C LEU A 150 -1.07 8.89 -17.04
N ILE A 151 -2.26 8.68 -16.53
CA ILE A 151 -2.75 9.30 -15.31
C ILE A 151 -2.88 8.12 -14.30
N ALA A 152 -2.37 8.27 -13.08
CA ALA A 152 -2.49 7.21 -12.06
C ALA A 152 -3.20 7.73 -10.84
N VAL A 153 -4.09 6.93 -10.29
CA VAL A 153 -4.80 7.28 -9.09
C VAL A 153 -5.01 6.01 -8.25
N ASP A 154 -4.57 6.03 -6.98
CA ASP A 154 -4.75 4.90 -6.08
C ASP A 154 -5.94 5.17 -5.16
N GLU A 155 -6.96 4.31 -5.20
CA GLU A 155 -8.15 4.38 -4.37
C GLU A 155 -7.80 4.30 -2.89
N ALA A 156 -6.78 3.48 -2.53
CA ALA A 156 -6.30 3.33 -1.15
C ALA A 156 -5.75 4.64 -0.54
N HIS A 157 -5.45 5.63 -1.38
CA HIS A 157 -4.94 6.93 -0.95
C HIS A 157 -6.05 7.95 -0.70
N CYS A 158 -7.21 7.76 -1.33
CA CYS A 158 -8.34 8.66 -1.21
C CYS A 158 -9.34 8.20 -0.16
N ILE A 159 -8.90 7.48 0.87
CA ILE A 159 -9.83 6.98 1.88
C ILE A 159 -9.66 7.67 3.26
N SER A 160 -10.69 8.44 3.63
CA SER A 160 -10.81 9.17 4.90
C SER A 160 -12.26 9.61 5.08
N ASP A 165 -13.62 7.76 1.98
CA ASP A 165 -14.49 7.60 0.82
C ASP A 165 -13.88 8.19 -0.46
N PHE A 166 -13.30 7.31 -1.28
CA PHE A 166 -12.68 7.63 -2.57
C PHE A 166 -13.66 8.16 -3.60
N ARG A 167 -14.97 7.87 -3.44
CA ARG A 167 -15.98 8.27 -4.39
C ARG A 167 -16.10 9.77 -4.54
N ASP A 168 -15.83 10.54 -3.47
CA ASP A 168 -15.89 12.00 -3.58
C ASP A 168 -14.60 12.59 -4.18
N SER A 169 -13.46 11.92 -3.98
CA SER A 169 -12.21 12.36 -4.62
C SER A 169 -12.23 11.99 -6.10
N PHE A 170 -12.72 10.80 -6.44
CA PHE A 170 -12.80 10.28 -7.80
C PHE A 170 -13.90 10.95 -8.63
N ARG A 171 -14.95 11.48 -7.98
CA ARG A 171 -16.03 12.22 -8.67
C ARG A 171 -15.48 13.54 -9.25
N LYS A 172 -14.51 14.18 -8.54
CA LYS A 172 -13.81 15.37 -9.03
C LYS A 172 -12.95 15.06 -10.29
N LEU A 173 -12.72 13.77 -10.59
CA LEU A 173 -11.93 13.31 -11.73
C LEU A 173 -12.78 12.76 -12.90
N GLY A 174 -14.07 13.05 -12.92
CA GLY A 174 -14.96 12.57 -13.97
C GLY A 174 -14.77 13.19 -15.34
N SER A 175 -14.24 14.42 -15.38
CA SER A 175 -14.00 15.10 -16.66
C SER A 175 -12.69 14.73 -17.34
N LEU A 176 -11.78 14.00 -16.64
CA LEU A 176 -10.47 13.60 -17.17
C LEU A 176 -10.59 12.88 -18.49
N LYS A 177 -11.57 11.97 -18.60
CA LYS A 177 -11.76 11.16 -19.80
C LYS A 177 -12.35 11.96 -20.97
N THR A 178 -13.14 13.01 -20.70
CA THR A 178 -13.68 13.84 -21.79
C THR A 178 -12.65 14.88 -22.25
N ALA A 179 -11.85 15.42 -21.31
CA ALA A 179 -10.81 16.39 -21.61
C ALA A 179 -9.58 15.73 -22.24
N LEU A 180 -9.29 14.48 -21.85
CA LEU A 180 -8.13 13.71 -22.32
C LEU A 180 -8.55 12.28 -22.70
N PRO A 181 -9.30 12.10 -23.81
CA PRO A 181 -9.76 10.74 -24.19
C PRO A 181 -8.68 9.73 -24.59
N MET A 182 -7.54 10.23 -25.09
CA MET A 182 -6.38 9.44 -25.51
C MET A 182 -5.44 9.05 -24.37
N VAL A 183 -5.59 9.67 -23.19
CA VAL A 183 -4.72 9.39 -22.07
C VAL A 183 -5.29 8.27 -21.22
N PRO A 184 -4.57 7.15 -21.10
CA PRO A 184 -5.07 6.06 -20.24
C PRO A 184 -4.95 6.35 -18.73
N ILE A 185 -5.96 5.93 -17.95
CA ILE A 185 -5.94 6.05 -16.51
C ILE A 185 -5.65 4.67 -15.88
N VAL A 186 -4.64 4.60 -15.00
CA VAL A 186 -4.31 3.40 -14.26
C VAL A 186 -4.83 3.61 -12.84
N ALA A 187 -5.98 3.00 -12.50
CA ALA A 187 -6.56 3.11 -11.17
C ALA A 187 -6.17 1.89 -10.35
N LEU A 188 -5.61 2.12 -9.17
CA LEU A 188 -5.14 1.07 -8.28
C LEU A 188 -6.12 0.93 -7.12
N THR A 189 -6.23 -0.28 -6.59
CA THR A 189 -7.11 -0.53 -5.45
C THR A 189 -6.49 -1.57 -4.53
N ALA A 190 -6.70 -1.41 -3.23
CA ALA A 190 -6.20 -2.36 -2.24
C ALA A 190 -7.25 -3.41 -1.87
N THR A 191 -8.43 -3.42 -2.53
CA THR A 191 -9.48 -4.40 -2.26
C THR A 191 -9.89 -5.17 -3.51
N ALA A 192 -10.20 -6.46 -3.36
CA ALA A 192 -10.68 -7.26 -4.49
C ALA A 192 -12.22 -7.17 -4.67
N SER A 193 -12.90 -6.29 -3.92
CA SER A 193 -14.33 -6.06 -4.00
C SER A 193 -14.76 -5.67 -5.43
N SER A 194 -15.69 -6.44 -6.01
CA SER A 194 -16.20 -6.19 -7.36
C SER A 194 -17.05 -4.93 -7.46
N SER A 195 -17.70 -4.53 -6.35
CA SER A 195 -18.50 -3.31 -6.34
C SER A 195 -17.59 -2.07 -6.27
N ILE A 196 -16.41 -2.18 -5.61
CA ILE A 196 -15.44 -1.09 -5.54
C ILE A 196 -14.82 -0.88 -6.93
N ARG A 197 -14.50 -1.99 -7.63
CA ARG A 197 -13.95 -1.91 -8.98
C ARG A 197 -14.93 -1.21 -9.92
N GLU A 198 -16.22 -1.55 -9.80
CA GLU A 198 -17.23 -0.97 -10.66
C GLU A 198 -17.55 0.47 -10.25
N ASP A 199 -17.39 0.84 -8.97
CA ASP A 199 -17.53 2.24 -8.57
C ASP A 199 -16.36 3.07 -9.13
N ILE A 200 -15.15 2.48 -9.20
CA ILE A 200 -13.96 3.14 -9.75
C ILE A 200 -14.16 3.33 -11.25
N VAL A 201 -14.64 2.29 -11.95
CA VAL A 201 -14.89 2.37 -13.39
C VAL A 201 -15.95 3.45 -13.72
N ARG A 202 -16.99 3.59 -12.87
CA ARG A 202 -18.01 4.60 -13.09
C ARG A 202 -17.54 6.03 -12.79
N CYS A 203 -16.94 6.28 -11.60
CA CYS A 203 -16.46 7.61 -11.19
C CYS A 203 -15.42 8.20 -12.15
N LEU A 204 -14.55 7.34 -12.69
CA LEU A 204 -13.51 7.77 -13.59
C LEU A 204 -13.88 7.66 -15.06
N ASN A 205 -15.00 7.00 -15.39
CA ASN A 205 -15.49 6.84 -16.76
C ASN A 205 -14.47 6.06 -17.59
N LEU A 206 -14.05 4.89 -17.12
CA LEU A 206 -13.06 4.10 -17.84
C LEU A 206 -13.64 3.36 -19.04
N ARG A 207 -12.91 3.34 -20.15
CA ARG A 207 -13.38 2.71 -21.37
C ARG A 207 -12.70 1.36 -21.61
N ASN A 208 -13.44 0.27 -21.29
CA ASN A 208 -13.00 -1.13 -21.37
C ASN A 208 -11.64 -1.32 -20.70
N PRO A 209 -11.56 -1.08 -19.37
CA PRO A 209 -10.26 -1.21 -18.70
C PRO A 209 -9.81 -2.64 -18.54
N GLN A 210 -8.50 -2.84 -18.54
CA GLN A 210 -7.94 -4.15 -18.27
C GLN A 210 -8.00 -4.32 -16.76
N ILE A 211 -8.60 -5.40 -16.29
CA ILE A 211 -8.73 -5.68 -14.87
C ILE A 211 -7.69 -6.72 -14.48
N THR A 212 -6.78 -6.37 -13.54
CA THR A 212 -5.78 -7.34 -13.09
C THR A 212 -5.77 -7.48 -11.56
N CYS A 213 -5.25 -8.61 -11.07
N CYS A 213 -5.23 -8.59 -11.07
CA CYS A 213 -5.13 -8.90 -9.63
CA CYS A 213 -5.12 -8.85 -9.65
C CYS A 213 -3.71 -9.40 -9.39
C CYS A 213 -3.72 -9.41 -9.37
N THR A 214 -3.06 -8.91 -8.32
CA THR A 214 -1.67 -9.30 -8.03
C THR A 214 -1.47 -10.12 -6.77
N GLY A 215 -2.50 -10.83 -6.33
CA GLY A 215 -2.43 -11.66 -5.13
C GLY A 215 -1.30 -12.67 -5.17
N PHE A 216 -0.44 -12.64 -4.15
CA PHE A 216 0.72 -13.52 -4.11
C PHE A 216 1.09 -13.95 -2.70
N ASP A 217 1.83 -15.04 -2.62
CA ASP A 217 2.36 -15.56 -1.36
C ASP A 217 3.61 -14.76 -0.97
N ARG A 218 3.79 -14.48 0.31
CA ARG A 218 4.98 -13.82 0.81
C ARG A 218 5.68 -14.95 1.58
N PRO A 219 6.49 -15.81 0.93
CA PRO A 219 7.00 -17.01 1.63
C PRO A 219 7.99 -16.71 2.76
N ASN A 220 8.56 -15.50 2.80
CA ASN A 220 9.47 -15.08 3.87
C ASN A 220 8.71 -14.58 5.15
N LEU A 221 7.37 -14.67 5.20
CA LEU A 221 6.63 -14.25 6.40
C LEU A 221 5.98 -15.42 7.12
N TYR A 222 6.45 -15.71 8.33
CA TYR A 222 5.94 -16.76 9.17
C TYR A 222 4.66 -16.23 9.85
N LEU A 223 3.55 -17.01 9.81
CA LEU A 223 2.22 -16.66 10.33
C LEU A 223 1.88 -17.36 11.66
N GLU A 224 1.41 -16.61 12.65
CA GLU A 224 1.03 -17.19 13.93
C GLU A 224 -0.17 -16.48 14.55
N VAL A 225 -1.06 -17.23 15.22
CA VAL A 225 -2.20 -16.72 15.97
C VAL A 225 -2.09 -17.25 17.40
N ARG A 226 -2.22 -16.36 18.36
CA ARG A 226 -2.00 -16.62 19.79
C ARG A 226 -2.98 -15.80 20.63
N ARG A 227 -3.24 -16.21 21.87
CA ARG A 227 -4.20 -15.53 22.75
C ARG A 227 -3.57 -14.51 23.69
N LYS A 228 -4.35 -13.49 24.02
CA LYS A 228 -3.94 -12.48 24.97
C LYS A 228 -4.26 -13.00 26.38
N THR A 229 -3.26 -13.05 27.27
CA THR A 229 -3.37 -13.50 28.66
C THR A 229 -4.17 -12.55 29.57
N GLY A 230 -4.11 -11.26 29.32
CA GLY A 230 -4.78 -10.29 30.19
C GLY A 230 -3.80 -9.36 30.91
N ASN A 231 -2.56 -9.25 30.36
CA ASN A 231 -1.45 -8.44 30.85
C ASN A 231 -0.54 -8.17 29.65
N ILE A 232 -0.36 -6.89 29.27
CA ILE A 232 0.44 -6.48 28.10
C ILE A 232 1.88 -7.00 28.14
N LEU A 233 2.58 -6.82 29.26
CA LEU A 233 3.96 -7.31 29.35
C LEU A 233 4.05 -8.81 29.29
N GLN A 234 3.06 -9.53 29.86
CA GLN A 234 3.01 -10.99 29.79
C GLN A 234 2.88 -11.45 28.33
N ASP A 235 2.07 -10.73 27.53
CA ASP A 235 1.82 -11.00 26.13
C ASP A 235 3.02 -10.72 25.23
N LEU A 236 3.73 -9.63 25.48
CA LEU A 236 4.83 -9.21 24.62
C LEU A 236 6.22 -9.70 25.06
N GLN A 237 6.32 -10.29 26.27
CA GLN A 237 7.55 -10.87 26.82
C GLN A 237 8.24 -11.88 25.89
N PRO A 238 7.55 -12.90 25.33
CA PRO A 238 8.23 -13.85 24.45
C PRO A 238 9.02 -13.27 23.27
N PHE A 239 8.59 -12.11 22.77
CA PHE A 239 9.27 -11.41 21.67
C PHE A 239 10.49 -10.60 22.12
N LEU A 240 10.70 -10.47 23.43
CA LEU A 240 11.80 -9.71 24.01
C LEU A 240 12.94 -10.62 24.44
N VAL A 241 14.15 -10.23 24.05
CA VAL A 241 15.40 -10.93 24.35
C VAL A 241 16.27 -10.09 25.31
N HIS A 246 19.92 -5.11 29.15
CA HIS A 246 18.69 -4.41 28.76
C HIS A 246 17.72 -5.33 28.00
N TRP A 247 16.42 -4.97 27.98
CA TRP A 247 15.41 -5.73 27.24
C TRP A 247 15.28 -5.12 25.86
N GLU A 248 15.05 -5.96 24.84
CA GLU A 248 14.86 -5.48 23.48
C GLU A 248 14.17 -6.51 22.59
N PHE A 249 13.59 -6.08 21.48
CA PHE A 249 12.98 -6.98 20.51
C PHE A 249 14.09 -7.64 19.65
N GLU A 250 13.74 -8.71 18.90
CA GLU A 250 14.72 -9.37 18.03
C GLU A 250 15.20 -8.44 16.90
N GLY A 251 14.30 -7.60 16.40
CA GLY A 251 14.61 -6.65 15.33
C GLY A 251 13.52 -5.62 15.16
N PRO A 252 13.60 -4.81 14.10
CA PRO A 252 12.57 -3.77 13.88
C PRO A 252 11.15 -4.34 13.86
N THR A 253 10.33 -3.88 14.83
CA THR A 253 8.99 -4.38 15.06
C THR A 253 7.90 -3.32 14.94
N ILE A 254 6.74 -3.72 14.43
CA ILE A 254 5.57 -2.84 14.41
C ILE A 254 4.49 -3.54 15.24
N ILE A 255 3.92 -2.85 16.23
CA ILE A 255 2.82 -3.43 17.02
C ILE A 255 1.56 -2.66 16.66
N TYR A 256 0.64 -3.28 15.92
CA TYR A 256 -0.61 -2.65 15.52
C TYR A 256 -1.66 -2.80 16.58
N CYS A 257 -2.34 -1.70 16.95
CA CYS A 257 -3.39 -1.67 17.94
C CYS A 257 -4.70 -1.13 17.33
N PRO A 258 -5.86 -1.65 17.78
CA PRO A 258 -7.16 -1.16 17.23
C PRO A 258 -7.51 0.28 17.56
N SER A 259 -6.86 0.88 18.56
CA SER A 259 -7.18 2.26 18.92
C SER A 259 -5.94 3.06 19.33
N ARG A 260 -6.08 4.41 19.31
CA ARG A 260 -5.08 5.39 19.73
C ARG A 260 -4.77 5.22 21.20
N LYS A 261 -5.80 4.98 22.02
CA LYS A 261 -5.63 4.76 23.46
C LYS A 261 -4.84 3.48 23.72
N MET A 262 -5.15 2.41 22.98
CA MET A 262 -4.40 1.15 23.09
C MET A 262 -2.90 1.36 22.76
N THR A 263 -2.56 2.18 21.72
CA THR A 263 -1.17 2.47 21.39
C THR A 263 -0.40 3.17 22.54
N GLN A 264 -1.05 4.06 23.32
CA GLN A 264 -0.36 4.74 24.42
C GLN A 264 -0.13 3.77 25.59
N GLN A 265 -1.08 2.88 25.84
CA GLN A 265 -1.04 1.89 26.91
C GLN A 265 0.08 0.86 26.67
N VAL A 266 0.25 0.45 25.40
CA VAL A 266 1.31 -0.49 25.06
C VAL A 266 2.65 0.23 25.11
N THR A 267 2.73 1.49 24.62
CA THR A 267 3.99 2.25 24.69
C THR A 267 4.44 2.42 26.14
N GLY A 268 3.49 2.76 27.02
CA GLY A 268 3.75 2.91 28.45
C GLY A 268 4.33 1.67 29.08
N GLU A 269 3.74 0.50 28.81
CA GLU A 269 4.23 -0.75 29.37
C GLU A 269 5.61 -1.11 28.85
N LEU A 270 5.84 -0.90 27.54
CA LEU A 270 7.14 -1.20 26.95
C LEU A 270 8.22 -0.26 27.48
N ARG A 271 7.86 0.98 27.82
CA ARG A 271 8.83 1.94 28.33
C ARG A 271 9.27 1.64 29.79
N LYS A 272 8.53 0.81 30.53
CA LYS A 272 8.95 0.39 31.87
C LYS A 272 10.26 -0.44 31.78
N LEU A 273 10.42 -1.22 30.68
CA LEU A 273 11.59 -2.05 30.40
C LEU A 273 12.67 -1.29 29.59
N ASN A 274 12.59 0.06 29.52
CA ASN A 274 13.50 0.94 28.77
C ASN A 274 13.70 0.46 27.33
N LEU A 275 12.59 0.18 26.65
CA LEU A 275 12.60 -0.26 25.26
C LEU A 275 12.60 0.94 24.33
N SER A 276 13.31 0.84 23.20
CA SER A 276 13.41 1.89 22.19
C SER A 276 12.09 1.94 21.39
N CYS A 277 11.15 2.78 21.85
CA CYS A 277 9.77 2.92 21.40
C CYS A 277 9.42 4.27 20.81
N GLY A 278 8.38 4.25 19.99
CA GLY A 278 7.76 5.42 19.39
C GLY A 278 6.31 5.09 19.10
N THR A 279 5.39 5.98 19.48
CA THR A 279 3.96 5.78 19.23
C THR A 279 3.56 6.45 17.92
N TYR A 280 2.67 5.83 17.15
CA TYR A 280 2.22 6.43 15.90
C TYR A 280 0.71 6.26 15.61
N HIS A 281 -0.02 7.38 15.57
CA HIS A 281 -1.42 7.35 15.15
C HIS A 281 -1.80 8.64 14.43
N ALA A 282 -2.90 8.61 13.66
CA ALA A 282 -3.35 9.75 12.86
C ALA A 282 -3.72 10.99 13.65
N GLY A 283 -3.90 10.84 14.94
CA GLY A 283 -4.24 11.94 15.82
C GLY A 283 -3.05 12.83 16.12
N MET A 284 -1.84 12.29 15.92
CA MET A 284 -0.58 12.99 16.14
C MET A 284 -0.32 14.03 15.04
N SER A 285 0.42 15.10 15.41
CA SER A 285 0.79 16.13 14.45
C SER A 285 1.74 15.61 13.37
N PHE A 286 1.84 16.36 12.29
CA PHE A 286 2.68 16.07 11.15
C PHE A 286 4.14 15.86 11.56
N SER A 287 4.73 16.80 12.34
CA SER A 287 6.12 16.71 12.74
C SER A 287 6.43 15.57 13.69
N THR A 288 5.50 15.27 14.59
CA THR A 288 5.64 14.22 15.58
C THR A 288 5.62 12.85 14.91
N ARG A 289 4.72 12.66 13.93
CA ARG A 289 4.58 11.46 13.14
C ARG A 289 5.81 11.26 12.24
N LYS A 290 6.25 12.33 11.57
CA LYS A 290 7.42 12.34 10.69
C LYS A 290 8.69 12.00 11.47
N ASP A 291 8.78 12.46 12.72
CA ASP A 291 9.91 12.16 13.58
C ASP A 291 9.96 10.66 13.97
N ILE A 292 8.84 10.08 14.43
CA ILE A 292 8.75 8.67 14.79
C ILE A 292 9.03 7.77 13.56
N HIS A 293 8.54 8.18 12.41
CA HIS A 293 8.74 7.45 11.18
C HIS A 293 10.22 7.45 10.79
N HIS A 294 10.87 8.64 10.81
CA HIS A 294 12.29 8.76 10.45
C HIS A 294 13.24 8.09 11.42
N ARG A 295 12.96 8.18 12.72
CA ARG A 295 13.76 7.49 13.74
C ARG A 295 13.66 5.99 13.58
N PHE A 296 12.53 5.48 13.08
CA PHE A 296 12.35 4.05 12.86
C PHE A 296 13.25 3.62 11.69
N VAL A 297 13.22 4.38 10.58
CA VAL A 297 14.04 4.11 9.41
C VAL A 297 15.55 4.06 9.77
N ARG A 298 16.02 5.04 10.57
CA ARG A 298 17.42 5.12 11.01
C ARG A 298 17.79 4.18 12.14
N ASP A 299 16.84 3.35 12.61
CA ASP A 299 17.01 2.41 13.71
C ASP A 299 17.30 3.11 15.05
N GLU A 300 16.89 4.39 15.19
CA GLU A 300 16.97 5.10 16.47
C GLU A 300 15.87 4.61 17.42
N ILE A 301 14.77 4.08 16.89
CA ILE A 301 13.75 3.38 17.65
C ILE A 301 13.63 1.97 17.04
N GLN A 302 13.45 0.96 17.87
CA GLN A 302 13.33 -0.42 17.40
C GLN A 302 11.87 -0.84 17.18
N CYS A 303 10.94 -0.17 17.86
CA CYS A 303 9.56 -0.55 17.77
C CYS A 303 8.60 0.63 17.63
N VAL A 304 7.65 0.50 16.71
CA VAL A 304 6.61 1.49 16.54
C VAL A 304 5.30 0.87 17.02
N ILE A 305 4.65 1.45 18.06
CA ILE A 305 3.35 0.97 18.54
C ILE A 305 2.39 1.89 17.79
N ALA A 306 1.64 1.33 16.84
CA ALA A 306 0.87 2.13 15.92
C ALA A 306 -0.54 1.68 15.64
N THR A 307 -1.39 2.58 15.10
CA THR A 307 -2.65 2.19 14.52
C THR A 307 -2.29 1.95 13.02
N ILE A 308 -3.24 1.46 12.21
CA ILE A 308 -2.97 1.24 10.79
C ILE A 308 -2.74 2.53 9.98
N ALA A 309 -2.71 3.71 10.65
CA ALA A 309 -2.33 4.96 10.02
C ALA A 309 -0.85 4.85 9.57
N PHE A 310 -0.02 4.06 10.27
CA PHE A 310 1.38 3.81 9.93
C PHE A 310 1.40 2.60 9.01
N GLY A 311 1.67 2.79 7.72
CA GLY A 311 1.69 1.67 6.79
C GLY A 311 2.10 2.01 5.37
N MET A 312 1.57 3.10 4.82
CA MET A 312 1.89 3.49 3.46
C MET A 312 3.26 4.15 3.40
N GLY A 313 4.09 3.74 2.44
CA GLY A 313 5.42 4.30 2.26
C GLY A 313 6.30 4.37 3.49
N ILE A 314 6.39 3.26 4.27
CA ILE A 314 7.29 3.24 5.43
C ILE A 314 8.77 3.35 4.99
N ASN A 315 9.10 2.80 3.81
N ASN A 315 9.10 2.82 3.80
CA ASN A 315 10.43 2.80 3.23
CA ASN A 315 10.46 2.81 3.25
C ASN A 315 11.47 2.23 4.20
C ASN A 315 11.48 2.23 4.23
N LYS A 316 11.16 1.08 4.81
CA LYS A 316 12.05 0.38 5.70
C LYS A 316 12.02 -1.08 5.25
N ALA A 317 13.14 -1.59 4.69
CA ALA A 317 13.15 -2.95 4.16
C ALA A 317 13.27 -4.04 5.20
N ASP A 318 13.84 -3.71 6.36
CA ASP A 318 14.09 -4.72 7.37
C ASP A 318 13.09 -4.71 8.53
N ILE A 319 11.78 -4.73 8.23
CA ILE A 319 10.80 -4.88 9.30
C ILE A 319 10.72 -6.40 9.54
N ARG A 320 11.18 -6.87 10.71
CA ARG A 320 11.28 -8.28 11.07
C ARG A 320 10.06 -8.85 11.72
N GLN A 321 9.27 -8.02 12.40
CA GLN A 321 8.13 -8.53 13.13
C GLN A 321 6.95 -7.59 13.10
N VAL A 322 5.80 -8.11 12.72
CA VAL A 322 4.56 -7.37 12.80
C VAL A 322 3.73 -8.09 13.85
N ILE A 323 3.27 -7.37 14.88
CA ILE A 323 2.41 -7.93 15.91
C ILE A 323 1.07 -7.21 15.85
N HIS A 324 -0.02 -7.93 15.58
CA HIS A 324 -1.34 -7.36 15.61
C HIS A 324 -1.83 -7.60 17.04
N TYR A 325 -1.85 -6.54 17.86
CA TYR A 325 -2.30 -6.62 19.24
C TYR A 325 -3.79 -6.35 19.27
N GLY A 326 -4.54 -7.39 19.02
CA GLY A 326 -5.98 -7.35 18.89
C GLY A 326 -6.39 -8.10 17.63
N ALA A 327 -7.53 -8.76 17.63
CA ALA A 327 -8.03 -9.48 16.46
C ALA A 327 -8.11 -8.55 15.23
N PRO A 328 -7.44 -8.91 14.12
CA PRO A 328 -7.53 -8.08 12.91
C PRO A 328 -8.99 -7.85 12.49
N LYS A 329 -9.33 -6.68 11.95
CA LYS A 329 -10.73 -6.38 11.63
C LYS A 329 -11.30 -7.33 10.58
N ASP A 330 -10.48 -7.70 9.59
CA ASP A 330 -10.92 -8.61 8.54
C ASP A 330 -9.70 -9.21 7.81
N MET A 331 -9.92 -10.32 7.08
CA MET A 331 -8.91 -11.11 6.37
C MET A 331 -8.20 -10.32 5.26
N GLU A 332 -8.94 -9.51 4.52
CA GLU A 332 -8.34 -8.73 3.43
C GLU A 332 -7.38 -7.68 3.96
N SER A 333 -7.82 -6.90 4.96
CA SER A 333 -6.98 -5.85 5.52
C SER A 333 -5.79 -6.44 6.25
N TYR A 334 -5.96 -7.58 6.93
CA TYR A 334 -4.84 -8.26 7.59
C TYR A 334 -3.76 -8.69 6.54
N TYR A 335 -4.20 -9.26 5.41
CA TYR A 335 -3.31 -9.68 4.33
C TYR A 335 -2.52 -8.46 3.81
N GLN A 336 -3.18 -7.31 3.69
CA GLN A 336 -2.55 -6.08 3.22
C GLN A 336 -1.56 -5.49 4.22
N GLU A 337 -1.87 -5.55 5.51
CA GLU A 337 -1.01 -5.02 6.57
C GLU A 337 0.29 -5.79 6.78
N ILE A 338 0.24 -7.13 6.69
CA ILE A 338 1.43 -7.94 6.89
C ILE A 338 2.41 -7.86 5.72
N GLY A 339 1.93 -7.49 4.53
CA GLY A 339 2.77 -7.32 3.35
C GLY A 339 3.74 -6.16 3.43
N ARG A 340 3.70 -5.39 4.52
CA ARG A 340 4.64 -4.30 4.79
C ARG A 340 5.95 -4.84 5.45
N ALA A 341 5.92 -6.07 6.01
CA ALA A 341 7.06 -6.73 6.63
C ALA A 341 7.95 -7.43 5.62
N GLY A 342 9.24 -7.51 5.92
CA GLY A 342 10.22 -8.23 5.13
C GLY A 342 10.36 -7.89 3.67
N ARG A 343 10.46 -6.59 3.35
CA ARG A 343 10.64 -6.15 1.97
C ARG A 343 12.03 -6.52 1.41
N ASP A 344 13.01 -6.81 2.30
CA ASP A 344 14.38 -7.24 1.94
C ASP A 344 14.45 -8.75 1.53
N GLY A 345 13.41 -9.51 1.85
CA GLY A 345 13.35 -10.93 1.53
C GLY A 345 13.82 -11.84 2.65
N LEU A 346 14.30 -11.25 3.76
CA LEU A 346 14.77 -12.02 4.90
C LEU A 346 13.55 -12.53 5.70
N GLN A 347 13.76 -13.52 6.56
CA GLN A 347 12.70 -14.08 7.37
C GLN A 347 12.07 -13.03 8.32
N SER A 348 10.74 -12.89 8.25
CA SER A 348 9.95 -12.04 9.13
C SER A 348 8.82 -12.85 9.76
N SER A 349 8.26 -12.34 10.84
CA SER A 349 7.17 -12.99 11.57
C SER A 349 5.98 -12.04 11.66
N CYS A 350 4.77 -12.59 11.62
CA CYS A 350 3.52 -11.84 11.74
C CYS A 350 2.66 -12.60 12.73
N HIS A 351 2.52 -12.07 13.95
CA HIS A 351 1.77 -12.68 15.04
C HIS A 351 0.48 -11.93 15.32
N VAL A 352 -0.60 -12.65 15.60
CA VAL A 352 -1.87 -12.06 16.02
C VAL A 352 -2.02 -12.44 17.49
N LEU A 353 -2.25 -11.45 18.36
CA LEU A 353 -2.50 -11.70 19.78
C LEU A 353 -3.92 -11.21 19.95
N TRP A 354 -4.85 -12.14 20.11
CA TRP A 354 -6.26 -11.78 20.15
C TRP A 354 -6.99 -12.35 21.38
N ALA A 355 -8.19 -11.82 21.65
CA ALA A 355 -9.12 -12.22 22.69
C ALA A 355 -10.56 -12.12 22.13
N PRO A 356 -11.50 -12.97 22.61
CA PRO A 356 -12.87 -12.93 22.08
C PRO A 356 -13.57 -11.57 22.11
N ALA A 357 -13.34 -10.75 23.16
CA ALA A 357 -13.93 -9.42 23.31
C ALA A 357 -13.61 -8.49 22.15
N ASP A 358 -12.45 -8.67 21.47
CA ASP A 358 -12.02 -7.87 20.32
C ASP A 358 -12.97 -8.03 19.14
N ILE A 359 -13.54 -9.22 18.96
CA ILE A 359 -14.43 -9.52 17.84
C ILE A 359 -15.75 -8.74 17.95
N ASN A 360 -16.25 -8.55 19.17
CA ASN A 360 -17.46 -7.76 19.40
C ASN A 360 -17.15 -6.29 19.04
N LEU A 361 -16.00 -5.79 19.45
CA LEU A 361 -15.51 -4.43 19.16
C LEU A 361 -15.21 -4.20 17.65
N ASN A 362 -14.86 -5.28 16.91
CA ASN A 362 -14.56 -5.19 15.47
C ASN A 362 -15.85 -5.08 14.63
N ARG A 363 -16.96 -5.67 15.11
CA ARG A 363 -18.26 -5.59 14.41
C ARG A 363 -18.80 -4.15 14.42
N HIS A 364 -18.44 -3.36 15.46
CA HIS A 364 -18.81 -1.97 15.60
C HIS A 364 -18.20 -1.11 14.47
N LEU A 365 -17.05 -1.53 13.90
CA LEU A 365 -16.42 -0.78 12.80
C LEU A 365 -17.08 -1.03 11.43
N LEU A 366 -17.91 -2.07 11.32
CA LEU A 366 -18.63 -2.36 10.08
C LEU A 366 -19.82 -1.39 9.89
N THR A 367 -20.38 -0.86 11.00
CA THR A 367 -21.47 0.10 11.01
C THR A 367 -21.04 1.45 10.39
N GLU A 368 -19.76 1.81 10.48
CA GLU A 368 -19.27 3.05 9.89
C GLU A 368 -18.85 2.89 8.40
N ILE A 369 -19.26 1.79 7.74
CA ILE A 369 -18.99 1.63 6.31
C ILE A 369 -20.23 2.11 5.58
N ARG A 370 -20.12 3.22 4.83
CA ARG A 370 -21.29 3.81 4.19
C ARG A 370 -21.83 3.02 2.98
N ASN A 371 -20.95 2.58 2.07
CA ASN A 371 -21.40 1.79 0.91
C ASN A 371 -21.93 0.43 1.36
N GLU A 372 -23.19 0.15 1.06
CA GLU A 372 -23.84 -1.10 1.45
C GLU A 372 -23.22 -2.32 0.77
N LYS A 373 -22.84 -2.21 -0.52
CA LYS A 373 -22.24 -3.31 -1.27
C LYS A 373 -20.85 -3.67 -0.72
N PHE A 374 -20.09 -2.68 -0.24
CA PHE A 374 -18.78 -2.91 0.37
C PHE A 374 -18.93 -3.39 1.81
N ARG A 375 -19.95 -2.91 2.55
CA ARG A 375 -20.23 -3.36 3.91
C ARG A 375 -20.50 -4.87 3.92
N LEU A 376 -21.17 -5.40 2.87
CA LEU A 376 -21.45 -6.83 2.76
C LEU A 376 -20.18 -7.62 2.41
N TYR A 377 -19.23 -7.00 1.68
CA TYR A 377 -17.96 -7.61 1.27
C TYR A 377 -17.04 -7.70 2.48
N LYS A 378 -16.98 -6.62 3.29
CA LYS A 378 -16.17 -6.56 4.51
C LYS A 378 -16.65 -7.52 5.58
N LEU A 379 -17.93 -7.79 5.60
CA LEU A 379 -18.62 -8.72 6.48
C LEU A 379 -18.18 -10.14 6.14
N LYS A 380 -18.05 -10.46 4.83
CA LYS A 380 -17.54 -11.76 4.36
C LYS A 380 -16.08 -11.91 4.77
N MET A 381 -15.29 -10.82 4.66
CA MET A 381 -13.87 -10.77 5.03
C MET A 381 -13.65 -10.93 6.54
N MET A 382 -14.61 -10.43 7.34
CA MET A 382 -14.63 -10.55 8.80
C MET A 382 -14.92 -11.98 9.19
N ALA A 383 -15.86 -12.63 8.49
CA ALA A 383 -16.21 -14.04 8.69
C ALA A 383 -14.97 -14.92 8.37
N LYS A 384 -14.22 -14.58 7.32
CA LYS A 384 -12.98 -15.28 6.96
C LYS A 384 -11.88 -15.08 8.02
N MET A 385 -11.81 -13.88 8.61
CA MET A 385 -10.86 -13.62 9.68
C MET A 385 -11.20 -14.48 10.92
N GLU A 386 -12.49 -14.64 11.21
CA GLU A 386 -12.94 -15.46 12.33
C GLU A 386 -12.61 -16.93 12.12
N LYS A 387 -12.73 -17.42 10.88
CA LYS A 387 -12.38 -18.81 10.52
C LYS A 387 -10.88 -18.99 10.72
N TYR A 388 -10.08 -18.03 10.23
CA TYR A 388 -8.63 -18.01 10.36
C TYR A 388 -8.20 -18.09 11.82
N LEU A 389 -8.78 -17.25 12.71
CA LEU A 389 -8.42 -17.23 14.13
C LEU A 389 -8.70 -18.56 14.84
N HIS A 390 -9.76 -19.26 14.45
CA HIS A 390 -10.14 -20.52 15.06
C HIS A 390 -9.69 -21.78 14.30
N SER A 391 -9.05 -21.61 13.15
CA SER A 391 -8.61 -22.73 12.32
C SER A 391 -7.37 -23.44 12.84
N SER A 392 -7.31 -24.76 12.60
CA SER A 392 -6.17 -25.65 12.86
C SER A 392 -5.42 -26.04 11.55
N ARG A 393 -5.88 -25.50 10.42
CA ARG A 393 -5.31 -25.73 9.10
C ARG A 393 -4.23 -24.70 8.83
N CYS A 394 -3.38 -24.99 7.84
CA CYS A 394 -2.33 -24.08 7.42
C CYS A 394 -2.86 -22.65 7.17
N ARG A 395 -2.32 -21.69 7.92
CA ARG A 395 -2.71 -20.28 7.82
C ARG A 395 -2.42 -19.71 6.43
N ARG A 396 -1.34 -20.17 5.81
CA ARG A 396 -0.92 -19.75 4.49
C ARG A 396 -1.88 -20.28 3.42
N GLN A 397 -2.36 -21.52 3.57
CA GLN A 397 -3.32 -22.16 2.68
C GLN A 397 -4.68 -21.45 2.70
N ILE A 398 -5.11 -20.94 3.88
CA ILE A 398 -6.36 -20.18 4.05
C ILE A 398 -6.26 -18.85 3.28
N ILE A 399 -5.12 -18.17 3.39
CA ILE A 399 -4.90 -16.91 2.70
C ILE A 399 -4.78 -17.15 1.18
N LEU A 400 -3.94 -18.11 0.77
CA LEU A 400 -3.77 -18.39 -0.66
C LEU A 400 -5.02 -18.91 -1.34
N SER A 401 -6.04 -19.34 -0.58
CA SER A 401 -7.30 -19.83 -1.14
C SER A 401 -8.14 -18.72 -1.82
N HIS A 402 -7.56 -17.54 -2.05
CA HIS A 402 -8.19 -16.42 -2.74
C HIS A 402 -7.49 -16.11 -4.10
N PHE A 403 -6.41 -16.84 -4.46
CA PHE A 403 -5.65 -16.57 -5.69
C PHE A 403 -5.64 -17.76 -6.69
N GLU A 404 -5.15 -17.52 -7.93
CA GLU A 404 -4.98 -18.54 -8.99
C GLU A 404 -4.14 -19.73 -8.43
N ASP A 405 -4.47 -20.98 -8.83
CA ASP A 405 -3.77 -22.19 -8.36
C ASP A 405 -2.26 -22.22 -8.68
N LYS A 406 -1.74 -21.22 -9.41
CA LYS A 406 -0.31 -21.12 -9.71
C LYS A 406 0.40 -20.52 -8.49
N GLN A 407 -0.18 -19.45 -7.92
CA GLN A 407 0.36 -18.75 -6.75
C GLN A 407 0.11 -19.53 -5.46
N SER A 412 4.20 -22.78 -4.25
CA SER A 412 4.14 -22.48 -2.82
C SER A 412 4.24 -23.72 -1.91
N LEU A 413 4.15 -24.91 -2.49
CA LEU A 413 4.32 -26.16 -1.74
C LEU A 413 5.69 -26.25 -1.00
N GLY A 414 6.65 -25.38 -1.38
CA GLY A 414 7.97 -25.27 -0.79
C GLY A 414 7.94 -24.83 0.67
N ILE A 415 7.49 -23.59 0.94
CA ILE A 415 7.39 -23.07 2.30
C ILE A 415 6.32 -23.82 3.08
N MET A 416 5.19 -24.14 2.45
CA MET A 416 4.05 -24.82 3.06
C MET A 416 4.41 -26.16 3.68
N GLY A 417 3.94 -26.38 4.89
CA GLY A 417 4.21 -27.64 5.61
C GLY A 417 5.49 -27.64 6.43
N THR A 418 6.32 -26.60 6.28
CA THR A 418 7.60 -26.54 6.98
C THR A 418 7.49 -25.72 8.28
N GLU A 419 8.54 -25.75 9.12
CA GLU A 419 8.57 -24.99 10.36
C GLU A 419 8.58 -23.46 10.14
N LYS A 420 8.81 -23.00 8.92
CA LYS A 420 8.78 -21.58 8.59
C LYS A 420 7.46 -21.13 7.91
N CYS A 421 6.49 -22.04 7.77
CA CYS A 421 5.23 -21.69 7.15
C CYS A 421 4.32 -20.94 8.14
N CYS A 422 3.87 -21.64 9.18
CA CYS A 422 2.92 -21.10 10.15
C CYS A 422 2.91 -21.99 11.40
N ASP A 423 2.22 -21.53 12.46
CA ASP A 423 2.11 -22.24 13.74
C ASP A 423 1.36 -23.54 13.60
N ASN A 424 0.33 -23.54 12.75
CA ASN A 424 -0.49 -24.73 12.56
C ASN A 424 0.30 -25.87 11.89
N CYS A 425 1.24 -25.55 10.99
CA CYS A 425 2.11 -26.51 10.33
C CYS A 425 3.10 -27.19 11.28
N ARG A 426 3.39 -26.57 12.43
CA ARG A 426 4.24 -27.06 13.50
C ARG A 426 3.45 -27.84 14.57
N SER A 427 2.12 -28.02 14.41
CA SER A 427 1.34 -28.72 15.45
C SER A 427 0.42 -29.82 14.91
#